data_8G0M
#
_entry.id   8G0M
#
_cell.length_a   136.152
_cell.length_b   167.126
_cell.length_c   83.677
_cell.angle_alpha   90.00
_cell.angle_beta   90.00
_cell.angle_gamma   90.00
#
_symmetry.space_group_name_H-M   'C 2 2 21'
#
loop_
_entity.id
_entity.type
_entity.pdbx_description
1 polymer '4F2 cell-surface antigen heavy chain'
2 polymer 'TV 6.6 Fc fragment'
3 branched beta-D-galactopyranose-(1-4)-2-acetamido-2-deoxy-beta-D-glucopyranose-(1-2)-alpha-D-mannopyranose-(1-6)-[alpha-D-mannopyranose-(1-3)]beta-D-mannopyranose-(1-4)-2-acetamido-2-deoxy-beta-D-glucopyranose-(1-4)-[alpha-L-fucopyranose-(1-6)]2-acetamido-2-deoxy-beta-D-glucopyranose
4 non-polymer 1,2-ETHANEDIOL
5 non-polymer 'TETRAETHYLENE GLYCOL'
6 water water
#
loop_
_entity_poly.entity_id
_entity_poly.type
_entity_poly.pdbx_seq_one_letter_code
_entity_poly.pdbx_strand_id
1 'polypeptide(L)'
;ELPAQKWWHTGALYRIGDLQAFQGHGAGNLAGLKGRLDYLSSLKVKGLVLGPIHKNQKDDVAQTDLLQIDPNFGSKEDFD
SLLQSAKKKSIRVILDLTPNYRGENSWFSTQVDTVATKVKDALEFWLQAGVDGFQVRDIENLKDASSFLAEWQNITKGFS
EDRLLIAGTNSSDLQQILSLLESNKDLLLTSSYLSDSGSTGEHTKSLVTQYLNATGNRWCSWSLSQARLLTSFLPAQLLR
LYQLMLFTLPGTPVFSYGDEIGLDAAALPGQPMEAPVMLWDESSFPDIPGAVSANMTVKGQSEDPGSLLSLFRRLSDQRS
KERSLLHGDFHAFSAGPGLFSYIRHWDQNERFLVVLNFGDVGLSAGLQASDLPASASLPAKADLLLSTQPGREEGSPLEL
ERLKLEPHEGLLLRFPYAAENLYFQ
;
A
2 'polypeptide(L)'
;DKTHTCPPCPAPELLGGPSVFLFPPKPKDTLMISRTPEVTCVVVDVSHEDPEVKFNWYVDGVEVHNAKTKPREEQYNSTY
RVVSVLTVLHQDWLNGKEYKCKVSNKALPAPIEKTISKAKGQPREPQVYTLPPSRDELTKNQVSLTCLVKGFYPSDIAVL
WNSRFVLENNYKTTPPVLDSDGSFFLYSKLTVDKSRWQQGNIFACNVYHEALHNHYTFKNLALSPGK
;
B
#
# COMPACT_ATOMS: atom_id res chain seq x y z
N PRO A 3 5.30 36.58 9.34
CA PRO A 3 5.00 35.21 9.82
C PRO A 3 6.23 34.32 9.71
N ALA A 4 6.94 34.08 10.83
CA ALA A 4 8.27 33.50 10.85
C ALA A 4 8.27 32.02 10.44
N GLN A 5 9.41 31.54 9.92
CA GLN A 5 9.55 30.16 9.49
C GLN A 5 9.61 29.24 10.71
N LYS A 6 8.85 28.13 10.65
CA LYS A 6 8.89 27.07 11.65
C LYS A 6 9.32 25.77 10.96
N TRP A 7 9.80 24.79 11.75
CA TRP A 7 10.35 23.56 11.21
C TRP A 7 9.34 22.80 10.33
N TRP A 8 8.05 22.85 10.67
CA TRP A 8 7.02 22.13 9.92
C TRP A 8 6.62 22.83 8.62
N HIS A 9 7.18 24.02 8.36
CA HIS A 9 6.97 24.70 7.08
C HIS A 9 8.00 24.23 6.05
N THR A 10 9.07 23.57 6.53
CA THR A 10 10.25 23.32 5.73
C THR A 10 10.21 21.99 4.97
N GLY A 11 9.12 21.23 5.07
CA GLY A 11 9.10 19.90 4.48
C GLY A 11 7.85 19.09 4.81
N ALA A 12 7.92 17.83 4.40
CA ALA A 12 6.85 16.86 4.55
C ALA A 12 6.84 16.29 5.96
N LEU A 13 5.62 16.05 6.47
CA LEU A 13 5.41 15.22 7.64
C LEU A 13 5.02 13.80 7.21
N TYR A 14 5.40 12.84 8.06
CA TYR A 14 5.38 11.41 7.76
C TYR A 14 4.75 10.65 8.93
N ARG A 15 3.48 10.24 8.75
CA ARG A 15 2.72 9.53 9.77
C ARG A 15 3.11 8.05 9.82
N ILE A 16 3.65 7.61 10.98
CA ILE A 16 3.91 6.22 11.27
C ILE A 16 2.98 5.79 12.41
N GLY A 17 1.76 5.36 12.06
CA GLY A 17 0.72 5.06 13.02
C GLY A 17 0.84 3.68 13.65
N ASP A 18 1.68 2.82 13.05
CA ASP A 18 1.80 1.43 13.49
C ASP A 18 3.26 1.02 13.36
N LEU A 19 3.95 0.93 14.50
CA LEU A 19 5.38 0.68 14.53
C LEU A 19 5.72 -0.67 13.91
N GLN A 20 4.90 -1.70 14.18
CA GLN A 20 5.20 -3.07 13.72
C GLN A 20 5.02 -3.20 12.21
N ALA A 21 3.92 -2.67 11.70
CA ALA A 21 3.70 -2.64 10.26
C ALA A 21 4.90 -1.96 9.58
N PHE A 22 5.34 -0.81 10.14
CA PHE A 22 6.34 0.02 9.49
C PHE A 22 7.69 -0.68 9.49
N GLN A 23 8.06 -1.21 10.65
CA GLN A 23 9.42 -1.72 10.85
C GLN A 23 9.50 -3.22 10.59
N GLY A 24 8.39 -3.93 10.76
CA GLY A 24 8.34 -5.36 10.48
C GLY A 24 7.90 -6.16 11.68
N HIS A 25 7.72 -7.46 11.45
CA HIS A 25 7.07 -8.36 12.38
C HIS A 25 7.91 -8.50 13.64
N GLY A 26 7.31 -8.22 14.80
CA GLY A 26 7.96 -8.41 16.08
C GLY A 26 8.80 -7.21 16.50
N ALA A 27 9.08 -6.31 15.54
CA ALA A 27 10.08 -5.26 15.68
C ALA A 27 9.40 -3.89 15.77
N GLY A 28 8.18 -3.88 16.32
CA GLY A 28 7.40 -2.67 16.48
C GLY A 28 7.77 -1.91 17.75
N ASN A 29 9.08 -1.65 17.91
CA ASN A 29 9.63 -1.00 19.09
C ASN A 29 10.18 0.38 18.72
N LEU A 30 10.27 1.28 19.71
CA LEU A 30 10.84 2.61 19.52
C LEU A 30 12.33 2.53 19.17
N ALA A 31 13.00 1.51 19.70
CA ALA A 31 14.40 1.24 19.40
C ALA A 31 14.59 0.86 17.95
N GLY A 32 13.60 0.19 17.35
CA GLY A 32 13.68 -0.22 15.96
C GLY A 32 13.44 0.93 15.00
N LEU A 33 12.62 1.91 15.41
CA LEU A 33 12.42 3.14 14.65
C LEU A 33 13.73 3.90 14.48
N LYS A 34 14.60 3.89 15.50
CA LYS A 34 15.93 4.48 15.40
C LYS A 34 16.63 4.00 14.13
N GLY A 35 16.50 2.69 13.86
CA GLY A 35 17.20 2.06 12.74
C GLY A 35 16.67 2.50 11.37
N ARG A 36 15.52 3.21 11.36
CA ARG A 36 14.89 3.62 10.11
C ARG A 36 15.05 5.12 9.84
N LEU A 37 15.73 5.83 10.75
CA LEU A 37 15.80 7.28 10.66
C LEU A 37 16.64 7.70 9.46
N ASP A 38 17.64 6.88 9.12
CA ASP A 38 18.47 7.13 7.96
C ASP A 38 17.62 7.04 6.70
N TYR A 39 16.69 6.07 6.67
CA TYR A 39 15.83 5.89 5.50
C TYR A 39 14.96 7.14 5.39
N LEU A 40 14.37 7.53 6.51
CA LEU A 40 13.50 8.68 6.55
C LEU A 40 14.25 9.95 6.15
N SER A 41 15.46 10.12 6.69
CA SER A 41 16.36 11.20 6.29
C SER A 41 16.56 11.17 4.77
N SER A 42 16.55 9.97 4.16
CA SER A 42 16.70 9.83 2.72
C SER A 42 15.47 10.35 1.98
N LEU A 43 14.31 10.45 2.66
CA LEU A 43 13.09 11.02 2.10
C LEU A 43 13.02 12.54 2.30
N LYS A 44 13.89 13.06 3.19
CA LYS A 44 13.96 14.48 3.54
C LYS A 44 12.68 14.92 4.25
N VAL A 45 12.13 14.01 5.06
CA VAL A 45 10.97 14.33 5.86
C VAL A 45 11.46 15.13 7.06
N LYS A 46 10.64 16.07 7.52
CA LYS A 46 11.06 16.99 8.55
C LYS A 46 10.50 16.57 9.90
N GLY A 47 9.41 15.80 9.89
CA GLY A 47 8.81 15.29 11.12
C GLY A 47 8.13 13.94 10.90
N LEU A 48 8.37 13.02 11.87
CA LEU A 48 7.60 11.80 12.09
C LEU A 48 6.44 12.12 13.03
N VAL A 49 5.23 11.68 12.66
CA VAL A 49 4.11 11.61 13.57
C VAL A 49 4.04 10.16 14.07
N LEU A 50 4.22 9.99 15.38
CA LEU A 50 4.51 8.70 15.97
C LEU A 50 3.31 8.23 16.81
N GLY A 51 2.94 6.95 16.65
CA GLY A 51 2.07 6.24 17.58
C GLY A 51 0.58 6.42 17.27
N PRO A 52 -0.32 6.50 18.29
CA PRO A 52 0.05 6.56 19.70
C PRO A 52 0.87 5.40 20.24
N ILE A 53 1.49 5.61 21.40
CA ILE A 53 2.29 4.59 22.02
C ILE A 53 1.91 4.45 23.50
N HIS A 54 0.78 5.04 23.88
CA HIS A 54 0.40 5.15 25.28
C HIS A 54 -0.46 3.97 25.73
N LYS A 55 -0.54 3.76 27.05
CA LYS A 55 -1.32 2.67 27.62
C LYS A 55 -2.81 2.88 27.37
N ASN A 56 -3.41 1.98 26.58
CA ASN A 56 -4.83 2.06 26.26
C ASN A 56 -5.41 0.65 26.31
N GLN A 57 -6.34 0.42 27.24
CA GLN A 57 -7.11 -0.80 27.25
C GLN A 57 -8.45 -0.44 26.62
N LYS A 58 -8.82 -1.15 25.55
CA LYS A 58 -9.97 -0.74 24.76
C LYS A 58 -11.08 -0.25 25.70
N ASP A 59 -11.58 0.96 25.45
CA ASP A 59 -12.73 1.52 26.14
C ASP A 59 -12.57 1.45 27.67
N ASP A 60 -11.35 1.68 28.19
CA ASP A 60 -11.12 1.69 29.63
C ASP A 60 -10.49 3.04 30.05
N VAL A 61 -11.33 4.07 30.21
CA VAL A 61 -10.89 5.42 30.51
C VAL A 61 -9.95 5.43 31.72
N ALA A 62 -9.99 4.37 32.53
CA ALA A 62 -9.24 4.31 33.78
C ALA A 62 -7.89 3.61 33.58
N GLN A 63 -7.86 2.64 32.66
CA GLN A 63 -6.61 1.98 32.31
C GLN A 63 -6.00 2.68 31.10
N THR A 64 -6.21 4.00 31.01
CA THR A 64 -5.65 4.81 29.94
C THR A 64 -4.76 5.91 30.53
N ASP A 65 -3.44 5.64 30.56
CA ASP A 65 -2.46 6.60 31.03
C ASP A 65 -1.61 7.12 29.87
N LEU A 66 -1.91 8.34 29.40
CA LEU A 66 -1.20 8.92 28.28
C LEU A 66 0.23 9.30 28.65
N LEU A 67 0.60 9.12 29.93
CA LEU A 67 1.91 9.54 30.42
C LEU A 67 2.85 8.33 30.57
N GLN A 68 2.35 7.17 30.15
CA GLN A 68 3.09 5.92 30.25
C GLN A 68 3.04 5.22 28.91
N ILE A 69 4.22 4.83 28.42
CA ILE A 69 4.38 4.09 27.18
C ILE A 69 3.92 2.64 27.39
N ASP A 70 3.12 2.12 26.44
CA ASP A 70 2.80 0.71 26.39
C ASP A 70 4.09 -0.08 26.16
N PRO A 71 4.47 -0.98 27.09
CA PRO A 71 5.81 -1.56 27.09
C PRO A 71 6.09 -2.50 25.92
N ASN A 72 5.05 -2.80 25.11
CA ASN A 72 5.24 -3.56 23.88
C ASN A 72 6.11 -2.79 22.89
N PHE A 73 6.00 -1.44 22.92
CA PHE A 73 6.75 -0.54 22.06
C PHE A 73 8.15 -0.28 22.63
N GLY A 74 8.29 -0.37 23.95
CA GLY A 74 9.57 -0.23 24.62
C GLY A 74 9.49 0.66 25.86
N SER A 75 10.66 0.98 26.39
CA SER A 75 10.79 1.77 27.60
C SER A 75 10.80 3.25 27.25
N LYS A 76 10.68 4.08 28.29
CA LYS A 76 10.74 5.53 28.18
C LYS A 76 12.17 5.94 27.83
N GLU A 77 13.15 5.10 28.19
CA GLU A 77 14.53 5.30 27.77
C GLU A 77 14.68 5.25 26.25
N ASP A 78 14.04 4.26 25.61
CA ASP A 78 14.12 4.06 24.17
C ASP A 78 13.57 5.30 23.44
N PHE A 79 12.45 5.84 23.95
CA PHE A 79 11.84 7.07 23.45
C PHE A 79 12.79 8.27 23.58
N ASP A 80 13.42 8.42 24.75
CA ASP A 80 14.41 9.46 25.03
C ASP A 80 15.58 9.33 24.04
N SER A 81 15.99 8.08 23.77
CA SER A 81 17.10 7.77 22.89
C SER A 81 16.73 7.97 21.42
N LEU A 82 15.44 7.81 21.10
CA LEU A 82 14.93 7.99 19.76
C LEU A 82 14.96 9.48 19.39
N LEU A 83 14.32 10.33 20.21
CA LEU A 83 14.34 11.78 20.06
C LEU A 83 15.75 12.31 19.85
N GLN A 84 16.68 11.86 20.73
CA GLN A 84 18.09 12.21 20.67
C GLN A 84 18.64 11.92 19.28
N SER A 85 18.43 10.69 18.80
CA SER A 85 18.94 10.28 17.50
C SER A 85 18.21 11.01 16.37
N ALA A 86 16.91 11.29 16.58
CA ALA A 86 16.08 11.99 15.63
C ALA A 86 16.53 13.46 15.50
N LYS A 87 16.64 14.17 16.64
CA LYS A 87 17.16 15.53 16.69
C LYS A 87 18.51 15.64 15.98
N LYS A 88 19.40 14.67 16.26
CA LYS A 88 20.74 14.61 15.71
C LYS A 88 20.72 14.49 14.17
N LYS A 89 19.62 13.98 13.57
CA LYS A 89 19.51 13.84 12.12
C LYS A 89 18.57 14.88 11.54
N SER A 90 18.14 15.83 12.39
CA SER A 90 17.32 16.98 12.01
C SER A 90 15.92 16.51 11.61
N ILE A 91 15.46 15.47 12.32
CA ILE A 91 14.12 14.94 12.13
C ILE A 91 13.33 15.17 13.42
N ARG A 92 12.23 15.91 13.27
CA ARG A 92 11.36 16.27 14.38
C ARG A 92 10.40 15.12 14.68
N VAL A 93 9.89 15.09 15.92
CA VAL A 93 9.02 14.02 16.38
C VAL A 93 7.73 14.63 16.93
N ILE A 94 6.61 14.30 16.28
CA ILE A 94 5.26 14.61 16.75
C ILE A 94 4.68 13.34 17.37
N LEU A 95 4.06 13.46 18.56
CA LEU A 95 3.50 12.32 19.28
C LEU A 95 1.99 12.36 19.14
N ASP A 96 1.40 11.29 18.58
CA ASP A 96 -0.05 11.17 18.53
C ASP A 96 -0.54 10.77 19.92
N LEU A 97 -1.50 11.52 20.46
CA LEU A 97 -2.00 11.29 21.81
C LEU A 97 -3.48 10.95 21.74
N THR A 98 -4.00 10.67 20.54
CA THR A 98 -5.37 10.24 20.42
C THR A 98 -5.60 9.11 21.43
N PRO A 99 -6.43 9.31 22.47
CA PRO A 99 -6.55 8.40 23.62
C PRO A 99 -6.99 6.95 23.40
N ASN A 100 -8.22 6.73 22.95
CA ASN A 100 -8.71 5.36 22.82
C ASN A 100 -8.36 4.85 21.42
N TYR A 101 -7.06 4.71 21.14
CA TYR A 101 -6.61 4.31 19.81
C TYR A 101 -6.81 2.82 19.61
N ARG A 102 -6.97 2.05 20.70
CA ARG A 102 -7.28 0.63 20.62
C ARG A 102 -8.78 0.44 20.42
N GLY A 103 -9.60 1.44 20.80
CA GLY A 103 -11.05 1.35 20.72
C GLY A 103 -11.59 1.81 19.37
N GLU A 104 -12.90 2.09 19.32
CA GLU A 104 -13.54 2.52 18.09
C GLU A 104 -13.87 4.01 18.15
N ASN A 105 -14.15 4.55 19.34
CA ASN A 105 -14.25 5.98 19.54
C ASN A 105 -12.99 6.42 20.26
N SER A 106 -12.03 6.99 19.52
CA SER A 106 -10.74 7.37 20.08
C SER A 106 -10.91 8.29 21.28
N TRP A 107 -12.05 8.99 21.33
CA TRP A 107 -12.34 9.93 22.40
C TRP A 107 -13.27 9.34 23.46
N PHE A 108 -13.33 8.00 23.57
CA PHE A 108 -14.12 7.35 24.62
C PHE A 108 -15.58 7.80 24.53
N SER A 109 -16.31 7.77 25.66
CA SER A 109 -17.72 8.16 25.69
C SER A 109 -18.13 8.61 27.09
N THR A 110 -18.93 9.69 27.16
CA THR A 110 -19.57 10.13 28.39
C THR A 110 -18.55 10.57 29.45
N GLN A 111 -17.35 10.94 28.99
CA GLN A 111 -16.23 11.29 29.87
C GLN A 111 -15.43 12.43 29.25
N VAL A 112 -16.14 13.39 28.65
CA VAL A 112 -15.54 14.36 27.73
C VAL A 112 -14.44 15.15 28.45
N ASP A 113 -14.66 15.48 29.73
CA ASP A 113 -13.75 16.31 30.51
C ASP A 113 -12.66 15.44 31.14
N THR A 114 -13.03 14.22 31.53
CA THR A 114 -12.10 13.31 32.19
C THR A 114 -10.91 13.02 31.26
N VAL A 115 -11.22 12.67 30.01
CA VAL A 115 -10.21 12.34 29.01
C VAL A 115 -9.34 13.57 28.76
N ALA A 116 -9.97 14.67 28.34
CA ALA A 116 -9.26 15.89 27.98
C ALA A 116 -8.15 16.17 29.01
N THR A 117 -8.45 15.95 30.29
CA THR A 117 -7.49 16.24 31.34
C THR A 117 -6.19 15.47 31.10
N LYS A 118 -6.28 14.18 30.74
CA LYS A 118 -5.10 13.36 30.57
C LYS A 118 -4.24 13.92 29.44
N VAL A 119 -4.87 14.47 28.40
CA VAL A 119 -4.18 15.14 27.31
C VAL A 119 -3.42 16.34 27.87
N LYS A 120 -4.18 17.29 28.44
CA LYS A 120 -3.63 18.51 29.02
C LYS A 120 -2.36 18.18 29.82
N ASP A 121 -2.42 17.14 30.65
CA ASP A 121 -1.29 16.72 31.48
C ASP A 121 -0.20 16.09 30.61
N ALA A 122 -0.63 15.35 29.58
CA ALA A 122 0.28 14.68 28.66
C ALA A 122 1.08 15.70 27.83
N LEU A 123 0.39 16.74 27.36
CA LEU A 123 1.00 17.82 26.58
C LEU A 123 2.25 18.31 27.30
N GLU A 124 2.06 18.72 28.56
CA GLU A 124 3.11 19.23 29.42
C GLU A 124 4.21 18.18 29.56
N PHE A 125 3.83 16.98 29.98
CA PHE A 125 4.78 15.92 30.31
C PHE A 125 5.73 15.67 29.15
N TRP A 126 5.13 15.58 27.94
CA TRP A 126 5.84 15.17 26.74
C TRP A 126 6.66 16.33 26.18
N LEU A 127 6.14 17.55 26.25
CA LEU A 127 6.91 18.75 25.89
C LEU A 127 8.19 18.84 26.72
N GLN A 128 8.11 18.48 28.01
CA GLN A 128 9.27 18.42 28.90
C GLN A 128 10.22 17.31 28.46
N ALA A 129 9.67 16.20 27.95
CA ALA A 129 10.45 15.07 27.47
C ALA A 129 11.20 15.36 26.16
N GLY A 130 10.80 16.42 25.44
CA GLY A 130 11.55 16.89 24.27
C GLY A 130 10.81 16.68 22.95
N VAL A 131 9.48 16.63 23.03
CA VAL A 131 8.62 16.34 21.90
C VAL A 131 8.39 17.64 21.16
N ASP A 132 8.39 17.56 19.83
CA ASP A 132 8.33 18.72 18.97
C ASP A 132 6.89 19.09 18.62
N GLY A 133 5.93 18.21 18.96
CA GLY A 133 4.52 18.53 18.75
C GLY A 133 3.61 17.33 19.00
N PHE A 134 2.32 17.46 18.70
CA PHE A 134 1.34 16.44 19.02
C PHE A 134 0.34 16.35 17.88
N GLN A 135 -0.22 15.14 17.68
CA GLN A 135 -1.39 14.94 16.82
C GLN A 135 -2.55 14.37 17.64
N VAL A 136 -3.77 14.77 17.27
CA VAL A 136 -4.99 14.20 17.82
C VAL A 136 -5.98 14.03 16.67
N ARG A 137 -6.46 12.80 16.46
CA ARG A 137 -7.29 12.46 15.31
C ARG A 137 -8.75 12.32 15.71
N ASP A 138 -9.62 12.16 14.71
CA ASP A 138 -11.04 11.90 14.92
C ASP A 138 -11.63 12.94 15.86
N ILE A 139 -11.53 14.23 15.50
CA ILE A 139 -11.94 15.29 16.38
C ILE A 139 -13.44 15.52 16.27
N GLU A 140 -14.05 15.08 15.16
CA GLU A 140 -15.49 15.17 14.98
C GLU A 140 -16.22 14.27 15.99
N ASN A 141 -15.49 13.34 16.63
CA ASN A 141 -15.98 12.51 17.72
C ASN A 141 -15.49 13.05 19.05
N LEU A 142 -15.37 14.38 19.13
CA LEU A 142 -15.04 15.07 20.37
C LEU A 142 -15.98 16.27 20.50
N LYS A 143 -16.82 16.19 21.54
CA LYS A 143 -17.73 17.27 21.90
C LYS A 143 -16.90 18.41 22.49
N ASP A 144 -17.31 19.64 22.15
CA ASP A 144 -16.56 20.85 22.47
C ASP A 144 -15.21 20.80 21.74
N ALA A 145 -15.28 20.44 20.45
CA ALA A 145 -14.11 20.27 19.61
C ALA A 145 -13.30 21.56 19.55
N SER A 146 -13.95 22.62 19.04
CA SER A 146 -13.34 23.92 18.81
C SER A 146 -12.62 24.42 20.06
N SER A 147 -13.23 24.17 21.22
CA SER A 147 -12.76 24.67 22.51
C SER A 147 -11.54 23.89 23.00
N PHE A 148 -11.63 22.55 22.97
CA PHE A 148 -10.59 21.70 23.52
C PHE A 148 -9.28 21.86 22.76
N LEU A 149 -9.38 22.09 21.45
CA LEU A 149 -8.21 22.28 20.59
C LEU A 149 -7.51 23.61 20.90
N ALA A 150 -8.30 24.66 21.15
CA ALA A 150 -7.79 25.97 21.54
C ALA A 150 -6.98 25.88 22.84
N GLU A 151 -7.47 25.08 23.78
CA GLU A 151 -6.79 24.88 25.05
C GLU A 151 -5.43 24.24 24.81
N TRP A 152 -5.41 23.19 23.97
CA TRP A 152 -4.20 22.43 23.73
C TRP A 152 -3.21 23.22 22.86
N GLN A 153 -3.74 23.98 21.90
CA GLN A 153 -2.97 24.91 21.09
C GLN A 153 -2.17 25.85 22.00
N ASN A 154 -2.90 26.58 22.87
CA ASN A 154 -2.32 27.63 23.69
C ASN A 154 -1.29 27.04 24.66
N ILE A 155 -1.49 25.79 25.08
CA ILE A 155 -0.55 25.13 25.99
C ILE A 155 0.72 24.78 25.22
N THR A 156 0.53 24.34 23.96
CA THR A 156 1.65 23.91 23.13
C THR A 156 2.43 25.14 22.69
N LYS A 157 1.72 26.17 22.19
CA LYS A 157 2.36 27.41 21.79
C LYS A 157 2.98 28.13 22.99
N GLY A 158 2.31 28.04 24.16
CA GLY A 158 2.82 28.59 25.40
C GLY A 158 4.21 28.06 25.78
N PHE A 159 4.44 26.75 25.63
CA PHE A 159 5.74 26.15 25.92
C PHE A 159 6.78 26.68 24.91
N SER A 160 6.39 26.78 23.63
CA SER A 160 7.23 27.31 22.56
C SER A 160 6.43 27.44 21.28
N GLU A 161 6.73 28.51 20.54
CA GLU A 161 6.10 28.78 19.26
C GLU A 161 6.59 27.74 18.24
N ASP A 162 7.68 27.03 18.57
CA ASP A 162 8.26 26.00 17.75
C ASP A 162 7.79 24.59 18.12
N ARG A 163 6.53 24.49 18.57
CA ARG A 163 5.90 23.23 18.92
C ARG A 163 4.57 23.25 18.19
N LEU A 164 4.26 22.12 17.56
CA LEU A 164 3.13 22.03 16.65
C LEU A 164 2.07 21.13 17.27
N LEU A 165 0.82 21.50 17.03
CA LEU A 165 -0.29 20.62 17.33
C LEU A 165 -1.02 20.34 16.03
N ILE A 166 -1.17 19.04 15.69
CA ILE A 166 -1.94 18.62 14.54
C ILE A 166 -3.27 18.06 15.02
N ALA A 167 -4.35 18.57 14.46
CA ALA A 167 -5.67 17.99 14.62
C ALA A 167 -6.07 17.26 13.33
N GLY A 168 -6.60 16.03 13.47
CA GLY A 168 -7.14 15.26 12.36
C GLY A 168 -8.65 14.99 12.47
N THR A 169 -9.33 15.04 11.33
CA THR A 169 -10.76 14.81 11.19
C THR A 169 -11.03 14.01 9.91
N ASN A 170 -12.18 13.30 9.88
CA ASN A 170 -12.70 12.64 8.70
C ASN A 170 -13.59 13.59 7.90
N SER A 171 -13.83 14.79 8.44
CA SER A 171 -14.67 15.77 7.78
C SER A 171 -14.07 16.17 6.44
N SER A 172 -14.90 16.18 5.38
CA SER A 172 -14.54 16.72 4.08
C SER A 172 -15.29 18.00 3.78
N ASP A 173 -16.10 18.48 4.75
CA ASP A 173 -16.95 19.66 4.57
C ASP A 173 -16.17 20.92 4.97
N LEU A 174 -16.16 21.89 4.07
CA LEU A 174 -15.35 23.10 4.22
C LEU A 174 -15.75 23.88 5.49
N GLN A 175 -17.07 24.13 5.65
CA GLN A 175 -17.55 25.01 6.71
C GLN A 175 -17.23 24.45 8.08
N GLN A 176 -17.37 23.12 8.26
CA GLN A 176 -17.05 22.46 9.52
C GLN A 176 -15.56 22.65 9.86
N ILE A 177 -14.70 22.59 8.83
CA ILE A 177 -13.26 22.73 8.99
C ILE A 177 -12.91 24.17 9.35
N LEU A 178 -13.57 25.15 8.72
CA LEU A 178 -13.36 26.56 9.01
C LEU A 178 -13.76 26.89 10.45
N SER A 179 -14.82 26.24 10.96
CA SER A 179 -15.34 26.48 12.30
C SER A 179 -14.37 26.00 13.38
N LEU A 180 -13.56 24.98 13.06
CA LEU A 180 -12.52 24.49 13.94
C LEU A 180 -11.30 25.39 13.87
N LEU A 181 -11.09 25.99 12.68
CA LEU A 181 -9.93 26.81 12.39
C LEU A 181 -10.18 28.29 12.72
N GLU A 182 -11.47 28.67 12.89
CA GLU A 182 -11.87 30.02 13.28
C GLU A 182 -11.21 30.42 14.60
N SER A 183 -11.25 29.53 15.61
CA SER A 183 -10.69 29.78 16.93
C SER A 183 -9.17 29.69 16.94
N ASN A 184 -8.62 28.66 16.27
CA ASN A 184 -7.18 28.42 16.20
C ASN A 184 -6.75 28.39 14.74
N LYS A 185 -6.09 29.47 14.29
CA LYS A 185 -5.73 29.65 12.89
C LYS A 185 -4.28 29.23 12.64
N ASP A 186 -3.52 28.99 13.72
CA ASP A 186 -2.15 28.54 13.63
C ASP A 186 -2.08 27.03 13.93
N LEU A 187 -3.21 26.34 13.70
CA LEU A 187 -3.37 24.92 14.01
C LEU A 187 -3.38 24.11 12.70
N LEU A 188 -2.52 23.09 12.59
CA LEU A 188 -2.50 22.24 11.40
C LEU A 188 -3.63 21.24 11.49
N LEU A 189 -4.53 21.28 10.48
CA LEU A 189 -5.73 20.47 10.40
C LEU A 189 -5.66 19.56 9.18
N THR A 190 -5.46 18.25 9.42
CA THR A 190 -5.55 17.22 8.39
C THR A 190 -6.98 16.72 8.29
N SER A 191 -7.46 16.46 7.07
CA SER A 191 -8.87 16.27 6.78
C SER A 191 -9.03 15.42 5.53
N SER A 192 -10.27 15.16 5.14
CA SER A 192 -10.57 14.42 3.91
C SER A 192 -11.10 15.39 2.83
N TYR A 193 -10.72 16.68 2.94
CA TYR A 193 -11.21 17.75 2.07
C TYR A 193 -10.93 17.44 0.60
N LEU A 194 -9.76 16.87 0.31
CA LEU A 194 -9.34 16.62 -1.07
C LEU A 194 -9.76 15.22 -1.55
N SER A 195 -10.47 14.47 -0.70
CA SER A 195 -11.14 13.23 -1.08
C SER A 195 -12.65 13.32 -0.81
N SER A 199 -10.43 13.70 -8.87
CA SER A 199 -11.53 13.99 -9.84
C SER A 199 -11.15 15.22 -10.68
N THR A 200 -12.12 16.13 -10.90
CA THR A 200 -12.02 17.15 -11.93
C THR A 200 -10.83 18.07 -11.69
N GLY A 201 -10.14 18.48 -12.78
CA GLY A 201 -8.98 19.35 -12.70
C GLY A 201 -9.31 20.75 -12.19
N GLU A 202 -10.46 21.28 -12.62
CA GLU A 202 -11.01 22.55 -12.18
C GLU A 202 -11.57 22.47 -10.75
N HIS A 203 -11.96 21.26 -10.31
CA HIS A 203 -12.59 21.03 -9.01
C HIS A 203 -11.54 20.95 -7.90
N THR A 204 -10.45 20.19 -8.15
CA THR A 204 -9.30 20.19 -7.25
C THR A 204 -8.69 21.59 -7.21
N LYS A 205 -8.63 22.27 -8.36
CA LYS A 205 -8.27 23.68 -8.46
C LYS A 205 -9.19 24.50 -7.55
N SER A 206 -10.51 24.35 -7.74
CA SER A 206 -11.51 25.07 -6.96
C SER A 206 -11.31 24.82 -5.46
N LEU A 207 -11.27 23.55 -5.08
CA LEU A 207 -11.09 23.16 -3.69
C LEU A 207 -9.90 23.89 -3.07
N VAL A 208 -8.75 23.85 -3.76
CA VAL A 208 -7.51 24.42 -3.25
C VAL A 208 -7.66 25.93 -3.15
N THR A 209 -8.06 26.56 -4.26
CA THR A 209 -8.19 28.01 -4.34
C THR A 209 -9.26 28.52 -3.37
N GLN A 210 -10.40 27.82 -3.29
CA GLN A 210 -11.47 28.17 -2.37
C GLN A 210 -10.99 28.09 -0.91
N TYR A 211 -10.18 27.07 -0.59
CA TYR A 211 -9.68 26.89 0.77
C TYR A 211 -8.78 28.06 1.16
N LEU A 212 -7.79 28.34 0.30
CA LEU A 212 -6.83 29.42 0.49
C LEU A 212 -7.54 30.78 0.51
N ASN A 213 -8.58 30.91 -0.33
CA ASN A 213 -9.44 32.07 -0.40
C ASN A 213 -10.09 32.32 0.96
N ALA A 214 -10.66 31.27 1.56
CA ALA A 214 -11.46 31.38 2.77
C ALA A 214 -10.60 31.40 4.03
N THR A 215 -9.29 31.10 3.91
CA THR A 215 -8.38 31.11 5.04
C THR A 215 -7.33 32.23 4.88
N GLY A 216 -7.56 33.15 3.93
CA GLY A 216 -6.70 34.30 3.76
C GLY A 216 -5.25 33.90 3.48
N ASN A 217 -5.08 32.79 2.76
CA ASN A 217 -3.78 32.25 2.37
C ASN A 217 -2.90 32.01 3.59
N ARG A 218 -3.51 31.62 4.72
CA ARG A 218 -2.78 31.22 5.91
C ARG A 218 -2.18 29.84 5.72
N TRP A 219 -1.18 29.53 6.55
CA TRP A 219 -0.48 28.27 6.51
C TRP A 219 -1.46 27.14 6.83
N CYS A 220 -1.33 26.03 6.10
CA CYS A 220 -2.18 24.88 6.31
C CYS A 220 -1.41 23.61 5.98
N SER A 221 -2.05 22.48 6.28
CA SER A 221 -1.60 21.18 5.84
C SER A 221 -2.20 20.92 4.47
N TRP A 222 -1.52 20.09 3.69
CA TRP A 222 -2.14 19.44 2.55
C TRP A 222 -1.99 17.93 2.72
N SER A 223 -3.13 17.24 2.64
CA SER A 223 -3.17 15.80 2.72
C SER A 223 -4.41 15.32 2.01
N LEU A 224 -4.56 14.00 1.93
CA LEU A 224 -5.77 13.34 1.45
C LEU A 224 -6.63 12.84 2.62
N SER A 225 -6.00 12.63 3.79
CA SER A 225 -6.67 12.13 4.98
C SER A 225 -5.84 12.44 6.23
N GLN A 226 -6.41 12.11 7.40
CA GLN A 226 -5.73 12.29 8.68
C GLN A 226 -4.81 11.11 8.99
N ALA A 227 -5.01 9.97 8.31
CA ALA A 227 -4.24 8.75 8.63
C ALA A 227 -3.96 7.88 7.41
N ARG A 228 -4.93 7.77 6.49
CA ARG A 228 -4.90 6.75 5.44
C ARG A 228 -3.90 7.15 4.34
N LEU A 229 -3.40 6.14 3.65
CA LEU A 229 -2.53 6.28 2.50
C LEU A 229 -3.27 6.94 1.35
N LEU A 230 -2.50 7.50 0.43
CA LEU A 230 -3.07 8.10 -0.78
C LEU A 230 -3.87 7.06 -1.56
N THR A 231 -3.39 5.80 -1.58
CA THR A 231 -4.02 4.71 -2.32
C THR A 231 -5.47 4.43 -1.85
N SER A 232 -5.84 4.85 -0.64
CA SER A 232 -7.23 4.75 -0.18
C SER A 232 -8.17 5.59 -1.03
N PHE A 233 -7.69 6.71 -1.60
CA PHE A 233 -8.53 7.67 -2.29
C PHE A 233 -8.26 7.70 -3.79
N LEU A 234 -7.05 7.28 -4.20
CA LEU A 234 -6.52 7.58 -5.52
C LEU A 234 -6.22 6.27 -6.26
N PRO A 235 -6.54 6.21 -7.56
CA PRO A 235 -6.06 5.13 -8.42
C PRO A 235 -4.58 5.38 -8.68
N ALA A 236 -3.88 4.28 -8.98
CA ALA A 236 -2.46 4.26 -9.18
C ALA A 236 -2.00 5.36 -10.15
N GLN A 237 -2.78 5.63 -11.21
CA GLN A 237 -2.35 6.47 -12.31
C GLN A 237 -2.26 7.92 -11.87
N LEU A 238 -2.92 8.28 -10.74
CA LEU A 238 -2.96 9.64 -10.24
C LEU A 238 -1.98 9.89 -9.07
N LEU A 239 -1.27 8.86 -8.60
CA LEU A 239 -0.44 8.99 -7.41
C LEU A 239 0.69 10.01 -7.64
N ARG A 240 1.47 9.84 -8.71
CA ARG A 240 2.60 10.68 -9.08
C ARG A 240 2.18 12.15 -9.20
N LEU A 241 1.07 12.41 -9.91
CA LEU A 241 0.54 13.74 -10.08
C LEU A 241 0.26 14.37 -8.71
N TYR A 242 -0.46 13.63 -7.85
CA TYR A 242 -0.91 14.13 -6.56
C TYR A 242 0.27 14.37 -5.63
N GLN A 243 1.34 13.60 -5.78
CA GLN A 243 2.54 13.86 -5.02
C GLN A 243 3.18 15.18 -5.49
N LEU A 244 3.23 15.41 -6.82
CA LEU A 244 3.82 16.64 -7.34
C LEU A 244 3.03 17.82 -6.76
N MET A 245 1.70 17.71 -6.75
CA MET A 245 0.88 18.78 -6.24
C MET A 245 1.12 19.01 -4.74
N LEU A 246 1.00 17.95 -3.93
CA LEU A 246 1.16 18.11 -2.49
C LEU A 246 2.54 18.70 -2.15
N PHE A 247 3.57 18.41 -2.94
CA PHE A 247 4.91 18.89 -2.63
C PHE A 247 5.17 20.32 -3.11
N THR A 248 4.21 20.94 -3.79
CA THR A 248 4.38 22.21 -4.46
C THR A 248 3.27 23.19 -4.08
N LEU A 249 2.26 22.74 -3.31
CA LEU A 249 1.20 23.61 -2.84
C LEU A 249 1.68 24.34 -1.59
N PRO A 250 1.16 25.56 -1.30
CA PRO A 250 1.61 26.35 -0.15
C PRO A 250 1.08 25.78 1.16
N GLY A 251 1.96 25.13 1.92
CA GLY A 251 1.59 24.48 3.16
C GLY A 251 2.46 23.27 3.43
N THR A 252 2.15 22.54 4.51
CA THR A 252 2.88 21.34 4.91
C THR A 252 2.21 20.14 4.27
N PRO A 253 2.90 19.36 3.40
CA PRO A 253 2.33 18.12 2.88
C PRO A 253 2.53 17.09 3.97
N VAL A 254 1.47 16.32 4.21
CA VAL A 254 1.47 15.23 5.18
C VAL A 254 1.11 13.92 4.46
N PHE A 255 1.97 12.92 4.67
CA PHE A 255 1.83 11.59 4.11
C PHE A 255 1.83 10.55 5.24
N SER A 256 1.49 9.29 4.88
CA SER A 256 1.67 8.15 5.77
C SER A 256 2.73 7.24 5.17
N TYR A 257 3.40 6.47 6.03
CA TYR A 257 4.46 5.60 5.58
C TYR A 257 3.93 4.71 4.45
N GLY A 258 4.77 4.53 3.44
CA GLY A 258 4.45 3.74 2.26
C GLY A 258 3.92 4.60 1.11
N ASP A 259 3.43 5.80 1.40
CA ASP A 259 3.02 6.69 0.31
C ASP A 259 4.16 6.89 -0.68
N GLU A 260 5.41 6.86 -0.20
CA GLU A 260 6.57 7.14 -1.05
C GLU A 260 6.82 6.01 -2.05
N ILE A 261 6.28 4.81 -1.77
CA ILE A 261 6.39 3.66 -2.68
C ILE A 261 5.06 3.30 -3.30
N GLY A 262 4.00 4.08 -3.03
CA GLY A 262 2.67 3.79 -3.57
C GLY A 262 1.97 2.58 -2.90
N LEU A 263 2.27 2.34 -1.61
CA LEU A 263 1.76 1.24 -0.84
C LEU A 263 0.24 1.29 -0.84
N ASP A 264 -0.37 0.18 -1.30
CA ASP A 264 -1.81 0.06 -1.46
C ASP A 264 -2.28 -1.11 -0.61
N ALA A 265 -2.93 -0.82 0.51
CA ALA A 265 -3.35 -1.85 1.44
C ALA A 265 -4.37 -2.81 0.81
N ALA A 266 -5.28 -2.28 0.00
CA ALA A 266 -6.33 -3.06 -0.62
C ALA A 266 -5.78 -4.09 -1.61
N ALA A 267 -4.54 -3.93 -2.08
CA ALA A 267 -3.98 -4.84 -3.06
C ALA A 267 -3.19 -5.94 -2.37
N LEU A 268 -3.11 -5.88 -1.04
CA LEU A 268 -2.27 -6.80 -0.32
C LEU A 268 -3.14 -7.60 0.63
N PRO A 269 -3.08 -8.95 0.55
CA PRO A 269 -3.94 -9.79 1.37
C PRO A 269 -3.58 -9.63 2.83
N GLY A 270 -4.62 -9.49 3.64
CA GLY A 270 -4.54 -9.58 5.08
C GLY A 270 -4.15 -8.26 5.73
N GLN A 271 -4.25 -7.15 4.99
CA GLN A 271 -3.71 -5.86 5.43
C GLN A 271 -4.83 -4.91 5.86
N PRO A 272 -4.81 -4.40 7.11
CA PRO A 272 -5.77 -3.37 7.52
C PRO A 272 -5.46 -2.10 6.73
N MET A 273 -6.51 -1.39 6.32
CA MET A 273 -6.38 -0.18 5.50
C MET A 273 -5.40 0.80 6.13
N GLU A 274 -5.39 0.88 7.46
CA GLU A 274 -4.70 1.99 8.12
C GLU A 274 -3.30 1.56 8.53
N ALA A 275 -2.89 0.31 8.27
CA ALA A 275 -1.59 -0.12 8.74
C ALA A 275 -1.05 -1.35 7.98
N PRO A 276 -0.92 -1.28 6.63
CA PRO A 276 -0.31 -2.37 5.88
C PRO A 276 1.15 -2.51 6.25
N VAL A 277 1.69 -3.70 6.00
CA VAL A 277 3.10 -3.98 6.12
C VAL A 277 3.87 -3.12 5.11
N MET A 278 4.96 -2.52 5.60
CA MET A 278 5.84 -1.73 4.78
C MET A 278 6.77 -2.66 4.01
N LEU A 279 6.82 -2.44 2.69
CA LEU A 279 7.52 -3.29 1.76
C LEU A 279 8.96 -2.77 1.56
N TRP A 280 9.86 -3.16 2.46
CA TRP A 280 11.27 -2.83 2.40
C TRP A 280 11.96 -3.56 1.24
N ASP A 281 11.72 -4.87 1.16
CA ASP A 281 12.24 -5.73 0.10
C ASP A 281 11.29 -6.90 -0.09
N GLU A 282 11.69 -7.87 -0.92
CA GLU A 282 10.86 -9.00 -1.30
C GLU A 282 10.66 -9.99 -0.15
N SER A 283 11.41 -9.82 0.95
CA SER A 283 11.28 -10.63 2.15
C SER A 283 10.34 -10.01 3.20
N SER A 284 9.82 -8.80 2.92
CA SER A 284 8.97 -8.08 3.89
C SER A 284 7.57 -8.70 4.01
N PHE A 285 6.98 -9.06 2.87
CA PHE A 285 5.63 -9.54 2.82
C PHE A 285 5.62 -11.06 2.99
N PRO A 286 4.57 -11.69 3.55
CA PRO A 286 4.45 -13.15 3.53
C PRO A 286 4.55 -13.69 2.10
N ASP A 287 5.05 -14.92 1.96
CA ASP A 287 5.24 -15.56 0.67
C ASP A 287 3.91 -15.96 0.02
N ILE A 288 3.18 -14.96 -0.45
CA ILE A 288 1.99 -15.15 -1.24
C ILE A 288 2.38 -14.76 -2.65
N PRO A 289 2.59 -15.75 -3.55
CA PRO A 289 3.06 -15.44 -4.89
C PRO A 289 2.08 -14.52 -5.62
N GLY A 290 2.58 -13.52 -6.35
CA GLY A 290 1.73 -12.64 -7.14
C GLY A 290 1.28 -11.38 -6.39
N ALA A 291 1.71 -11.26 -5.13
CA ALA A 291 1.17 -10.20 -4.29
C ALA A 291 2.08 -8.96 -4.27
N VAL A 292 3.40 -9.21 -4.26
CA VAL A 292 4.45 -8.20 -4.17
C VAL A 292 5.54 -8.53 -5.19
N SER A 293 5.68 -7.67 -6.20
CA SER A 293 6.87 -7.66 -7.06
C SER A 293 7.93 -6.72 -6.50
N ALA A 294 9.13 -6.81 -7.05
CA ALA A 294 10.28 -6.07 -6.57
C ALA A 294 10.02 -4.57 -6.70
N ASN A 295 9.31 -4.18 -7.74
CA ASN A 295 9.06 -2.78 -8.05
C ASN A 295 7.96 -2.19 -7.16
N MET A 296 7.54 -2.95 -6.14
CA MET A 296 6.57 -2.44 -5.18
C MET A 296 7.27 -2.16 -3.85
N THR A 297 8.59 -2.44 -3.79
CA THR A 297 9.36 -2.36 -2.54
C THR A 297 10.32 -1.17 -2.56
N VAL A 298 10.87 -0.85 -1.39
CA VAL A 298 11.79 0.28 -1.24
C VAL A 298 13.07 -0.03 -2.00
N LYS A 299 13.62 -1.23 -1.75
CA LYS A 299 14.81 -1.73 -2.39
C LYS A 299 14.72 -1.63 -3.91
N GLY A 300 13.63 -2.17 -4.48
CA GLY A 300 13.40 -2.16 -5.91
C GLY A 300 13.29 -0.75 -6.50
N GLN A 301 12.52 0.10 -5.83
CA GLN A 301 12.21 1.43 -6.33
C GLN A 301 13.40 2.39 -6.14
N SER A 302 14.27 2.14 -5.15
CA SER A 302 15.53 2.83 -4.94
C SER A 302 16.46 2.70 -6.16
N GLU A 303 16.43 1.53 -6.81
CA GLU A 303 17.31 1.23 -7.91
C GLU A 303 16.80 1.85 -9.21
N ASP A 304 15.58 2.42 -9.20
CA ASP A 304 14.95 2.85 -10.43
C ASP A 304 14.67 4.36 -10.35
N PRO A 305 15.38 5.19 -11.16
CA PRO A 305 15.12 6.63 -11.24
C PRO A 305 13.70 6.98 -11.66
N GLY A 306 13.02 6.02 -12.34
CA GLY A 306 11.64 6.22 -12.76
C GLY A 306 10.61 5.91 -11.66
N SER A 307 11.06 5.45 -10.48
CA SER A 307 10.16 4.90 -9.48
C SER A 307 9.45 6.03 -8.74
N LEU A 308 8.31 5.70 -8.12
CA LEU A 308 7.60 6.65 -7.30
C LEU A 308 8.47 7.10 -6.12
N LEU A 309 9.32 6.23 -5.59
CA LEU A 309 10.18 6.61 -4.47
C LEU A 309 11.25 7.62 -4.91
N SER A 310 11.85 7.41 -6.09
CA SER A 310 12.75 8.41 -6.66
C SER A 310 12.04 9.75 -6.84
N LEU A 311 10.80 9.74 -7.33
CA LEU A 311 10.05 10.96 -7.54
C LEU A 311 9.79 11.66 -6.21
N PHE A 312 9.36 10.88 -5.22
CA PHE A 312 9.12 11.38 -3.88
C PHE A 312 10.37 12.07 -3.36
N ARG A 313 11.51 11.39 -3.44
CA ARG A 313 12.78 11.89 -2.95
C ARG A 313 13.14 13.22 -3.61
N ARG A 314 12.96 13.30 -4.93
CA ARG A 314 13.30 14.50 -5.67
C ARG A 314 12.37 15.65 -5.29
N LEU A 315 11.06 15.38 -5.14
CA LEU A 315 10.10 16.42 -4.80
C LEU A 315 10.33 16.92 -3.37
N SER A 316 10.58 16.00 -2.43
CA SER A 316 10.85 16.35 -1.05
C SER A 316 12.13 17.21 -0.94
N ASP A 317 13.13 16.89 -1.76
CA ASP A 317 14.35 17.67 -1.85
C ASP A 317 14.05 19.09 -2.34
N GLN A 318 13.35 19.20 -3.47
CA GLN A 318 12.98 20.51 -3.97
C GLN A 318 12.24 21.30 -2.89
N ARG A 319 11.21 20.67 -2.30
CA ARG A 319 10.29 21.33 -1.39
C ARG A 319 11.00 21.83 -0.13
N SER A 320 12.11 21.19 0.25
CA SER A 320 12.74 21.50 1.53
C SER A 320 13.97 22.42 1.34
N LYS A 321 14.36 22.72 0.09
CA LYS A 321 15.51 23.58 -0.16
C LYS A 321 15.20 24.84 -1.00
N GLU A 322 14.04 24.95 -1.66
CA GLU A 322 13.77 26.04 -2.59
C GLU A 322 12.76 27.00 -1.99
N ARG A 323 13.19 28.27 -1.88
CA ARG A 323 12.45 29.26 -1.11
C ARG A 323 11.07 29.43 -1.69
N SER A 324 10.97 29.37 -3.02
CA SER A 324 9.67 29.57 -3.64
C SER A 324 8.69 28.48 -3.21
N LEU A 325 9.20 27.30 -2.86
CA LEU A 325 8.35 26.18 -2.47
C LEU A 325 8.17 26.17 -0.96
N LEU A 326 9.17 26.68 -0.23
CA LEU A 326 9.11 26.73 1.22
C LEU A 326 8.08 27.75 1.67
N HIS A 327 8.10 28.94 1.05
CA HIS A 327 7.27 30.05 1.51
C HIS A 327 7.00 31.02 0.36
N GLY A 328 6.82 30.50 -0.85
CA GLY A 328 6.49 31.32 -2.00
C GLY A 328 5.01 31.63 -2.02
N ASP A 329 4.64 32.65 -2.80
CA ASP A 329 3.24 32.95 -3.09
C ASP A 329 2.73 31.83 -3.98
N PHE A 330 1.40 31.82 -4.18
CA PHE A 330 0.71 30.81 -4.97
C PHE A 330 -0.25 31.55 -5.90
N HIS A 331 -0.08 31.36 -7.21
CA HIS A 331 -0.90 32.00 -8.21
C HIS A 331 -1.35 30.92 -9.19
N ALA A 332 -2.63 30.58 -9.08
CA ALA A 332 -3.28 29.67 -9.99
C ALA A 332 -3.76 30.47 -11.19
N PHE A 333 -3.84 29.80 -12.34
CA PHE A 333 -4.40 30.42 -13.53
C PHE A 333 -5.09 29.36 -14.38
N SER A 334 -5.88 29.84 -15.34
CA SER A 334 -6.74 28.99 -16.16
C SER A 334 -5.90 28.29 -17.22
N ALA A 335 -6.36 27.07 -17.56
CA ALA A 335 -5.72 26.21 -18.53
C ALA A 335 -6.81 25.38 -19.21
N GLY A 336 -6.41 24.38 -20.01
CA GLY A 336 -7.35 23.43 -20.58
C GLY A 336 -8.33 22.88 -19.53
N PRO A 337 -9.48 22.30 -19.95
CA PRO A 337 -10.54 21.94 -19.01
C PRO A 337 -10.11 21.22 -17.73
N GLY A 338 -9.29 20.15 -17.88
CA GLY A 338 -8.92 19.27 -16.78
C GLY A 338 -7.50 19.54 -16.25
N LEU A 339 -6.96 20.72 -16.56
CA LEU A 339 -5.64 21.15 -16.13
C LEU A 339 -5.77 22.00 -14.86
N PHE A 340 -4.86 21.78 -13.90
CA PHE A 340 -4.61 22.68 -12.79
C PHE A 340 -3.17 23.18 -12.88
N SER A 341 -3.03 24.50 -13.05
CA SER A 341 -1.74 25.13 -13.25
C SER A 341 -1.55 26.28 -12.27
N TYR A 342 -0.34 26.38 -11.72
CA TYR A 342 -0.04 27.47 -10.81
C TYR A 342 1.46 27.73 -10.82
N ILE A 343 1.87 28.86 -10.22
CA ILE A 343 3.27 29.19 -10.01
C ILE A 343 3.49 29.44 -8.52
N ARG A 344 4.71 29.16 -8.07
CA ARG A 344 5.15 29.52 -6.75
C ARG A 344 6.31 30.50 -6.95
N HIS A 345 6.29 31.62 -6.20
CA HIS A 345 7.23 32.72 -6.37
C HIS A 345 7.47 33.42 -5.02
N TRP A 346 8.73 33.41 -4.57
CA TRP A 346 9.20 34.18 -3.43
C TRP A 346 10.25 35.18 -3.89
N ASP A 347 10.00 36.47 -3.65
CA ASP A 347 11.00 37.51 -3.82
C ASP A 347 11.67 37.36 -5.19
N GLN A 348 12.99 37.08 -5.23
CA GLN A 348 13.75 37.00 -6.47
C GLN A 348 14.43 35.63 -6.60
N ASN A 349 13.86 34.63 -5.92
CA ASN A 349 14.38 33.27 -5.99
C ASN A 349 13.77 32.57 -7.20
N GLU A 350 14.34 31.42 -7.53
CA GLU A 350 13.88 30.60 -8.64
C GLU A 350 12.37 30.40 -8.51
N ARG A 351 11.60 30.69 -9.58
CA ARG A 351 10.18 30.39 -9.63
C ARG A 351 9.93 28.94 -10.06
N PHE A 352 8.73 28.41 -9.73
CA PHE A 352 8.34 27.08 -10.17
C PHE A 352 6.95 27.17 -10.77
N LEU A 353 6.79 26.52 -11.92
CA LEU A 353 5.52 26.34 -12.59
C LEU A 353 5.14 24.88 -12.48
N VAL A 354 3.92 24.64 -11.97
CA VAL A 354 3.34 23.34 -11.85
C VAL A 354 2.17 23.27 -12.85
N VAL A 355 2.19 22.24 -13.70
CA VAL A 355 1.11 21.96 -14.63
C VAL A 355 0.68 20.51 -14.42
N LEU A 356 -0.59 20.33 -14.07
CA LEU A 356 -1.10 19.03 -13.66
C LEU A 356 -2.24 18.66 -14.61
N ASN A 357 -2.09 17.52 -15.29
CA ASN A 357 -3.18 17.00 -16.13
C ASN A 357 -3.92 15.88 -15.40
N PHE A 358 -5.10 16.20 -14.86
CA PHE A 358 -5.88 15.27 -14.06
C PHE A 358 -6.61 14.25 -14.95
N GLY A 359 -7.07 14.71 -16.12
CA GLY A 359 -7.86 13.89 -17.03
C GLY A 359 -7.04 12.76 -17.65
N ASP A 360 -7.74 11.83 -18.33
CA ASP A 360 -7.08 10.62 -18.84
C ASP A 360 -6.93 10.72 -20.36
N VAL A 361 -7.02 11.95 -20.89
CA VAL A 361 -6.74 12.25 -22.28
C VAL A 361 -5.58 13.25 -22.34
N GLY A 362 -4.61 13.00 -23.24
CA GLY A 362 -3.57 13.95 -23.61
C GLY A 362 -4.15 15.30 -24.06
N LEU A 363 -3.54 16.40 -23.59
CA LEU A 363 -4.10 17.75 -23.68
C LEU A 363 -2.99 18.77 -23.95
N SER A 364 -3.35 19.82 -24.71
CA SER A 364 -2.57 21.05 -24.74
C SER A 364 -2.82 21.83 -23.45
N ALA A 365 -1.73 22.26 -22.82
CA ALA A 365 -1.83 22.96 -21.55
C ALA A 365 -2.71 24.19 -21.70
N GLY A 366 -2.52 24.92 -22.81
CA GLY A 366 -3.30 26.12 -23.06
C GLY A 366 -3.17 27.15 -21.94
N LEU A 367 -1.92 27.40 -21.52
CA LEU A 367 -1.63 28.35 -20.46
C LEU A 367 -1.90 29.76 -20.97
N GLN A 368 -2.56 30.57 -20.13
CA GLN A 368 -2.78 31.99 -20.39
C GLN A 368 -2.09 32.83 -19.31
N ALA A 369 -1.09 33.63 -19.73
CA ALA A 369 -0.16 34.29 -18.82
C ALA A 369 -0.66 35.66 -18.35
N SER A 370 -1.83 36.11 -18.86
CA SER A 370 -2.30 37.47 -18.65
C SER A 370 -3.09 37.61 -17.35
N ASP A 371 -3.77 36.53 -16.93
CA ASP A 371 -4.55 36.51 -15.70
C ASP A 371 -3.63 36.51 -14.47
N LEU A 372 -2.37 36.09 -14.66
CA LEU A 372 -1.32 36.18 -13.65
C LEU A 372 -0.89 37.63 -13.45
N PRO A 373 -0.49 38.04 -12.23
CA PRO A 373 0.13 39.36 -12.02
C PRO A 373 1.51 39.39 -12.67
N ALA A 374 1.90 40.54 -13.23
CA ALA A 374 3.13 40.64 -14.00
C ALA A 374 4.36 40.74 -13.07
N SER A 375 4.15 40.56 -11.75
CA SER A 375 5.24 40.38 -10.79
C SER A 375 6.06 39.14 -11.13
N ALA A 376 5.39 38.09 -11.60
CA ALA A 376 6.05 36.88 -12.07
C ALA A 376 5.22 36.25 -13.20
N SER A 377 5.16 36.95 -14.35
CA SER A 377 4.56 36.39 -15.56
C SER A 377 5.59 35.50 -16.25
N LEU A 378 5.10 34.69 -17.19
CA LEU A 378 5.82 33.50 -17.63
C LEU A 378 6.83 33.86 -18.72
N PRO A 379 8.08 33.34 -18.66
CA PRO A 379 9.01 33.42 -19.80
C PRO A 379 8.52 32.55 -20.97
N ALA A 380 9.17 32.68 -22.13
CA ALA A 380 8.79 31.94 -23.33
C ALA A 380 9.07 30.45 -23.10
N LYS A 381 10.18 30.19 -22.43
CA LYS A 381 10.68 28.86 -22.20
C LYS A 381 11.14 28.74 -20.74
N ALA A 382 10.81 27.61 -20.09
CA ALA A 382 11.28 27.31 -18.75
C ALA A 382 11.91 25.92 -18.74
N ASP A 383 12.99 25.75 -17.95
CA ASP A 383 13.67 24.50 -17.79
C ASP A 383 12.70 23.53 -17.10
N LEU A 384 12.56 22.34 -17.67
CA LEU A 384 11.80 21.26 -17.06
C LEU A 384 12.66 20.68 -15.95
N LEU A 385 12.16 20.79 -14.71
CA LEU A 385 12.87 20.14 -13.61
C LEU A 385 12.58 18.63 -13.66
N LEU A 386 11.29 18.26 -13.68
CA LEU A 386 10.91 16.88 -13.89
C LEU A 386 9.47 16.78 -14.43
N SER A 387 9.21 15.66 -15.10
CA SER A 387 7.85 15.20 -15.37
C SER A 387 7.55 13.99 -14.49
N THR A 388 6.28 13.76 -14.16
CA THR A 388 5.89 12.55 -13.44
C THR A 388 6.09 11.33 -14.34
N GLN A 389 6.06 11.54 -15.65
CA GLN A 389 6.20 10.45 -16.60
C GLN A 389 7.57 10.52 -17.28
N PRO A 390 8.17 9.39 -17.67
CA PRO A 390 9.55 9.39 -18.16
C PRO A 390 9.62 9.74 -19.64
N GLY A 391 10.84 10.02 -20.10
CA GLY A 391 11.08 10.24 -21.52
C GLY A 391 11.08 11.72 -21.94
N ARG A 392 10.81 12.64 -21.00
CA ARG A 392 10.99 14.06 -21.29
C ARG A 392 12.44 14.47 -21.07
N GLU A 393 12.74 15.72 -21.46
CA GLU A 393 14.11 16.19 -21.45
C GLU A 393 14.32 17.14 -20.27
N GLU A 394 14.71 16.53 -19.15
CA GLU A 394 14.79 17.18 -17.86
C GLU A 394 16.08 17.96 -17.88
N GLY A 395 16.05 19.22 -17.41
CA GLY A 395 17.24 20.06 -17.41
C GLY A 395 17.41 20.86 -18.70
N SER A 396 16.45 20.72 -19.63
CA SER A 396 16.42 21.48 -20.87
C SER A 396 15.10 22.24 -21.00
N PRO A 397 15.03 23.37 -21.75
CA PRO A 397 13.85 24.22 -21.74
C PRO A 397 12.70 23.56 -22.49
N LEU A 398 11.49 23.90 -22.10
CA LEU A 398 10.28 23.60 -22.83
C LEU A 398 9.65 24.95 -23.17
N GLU A 399 9.03 25.02 -24.35
CA GLU A 399 8.30 26.19 -24.77
C GLU A 399 6.93 26.14 -24.10
N LEU A 400 6.66 27.11 -23.20
CA LEU A 400 5.49 27.05 -22.33
C LEU A 400 4.16 27.11 -23.09
N GLU A 401 4.12 27.83 -24.21
CA GLU A 401 2.88 28.01 -24.96
C GLU A 401 2.55 26.76 -25.77
N ARG A 402 3.47 25.80 -25.86
CA ARG A 402 3.31 24.64 -26.72
C ARG A 402 3.24 23.35 -25.90
N LEU A 403 2.90 23.46 -24.60
CA LEU A 403 2.98 22.31 -23.70
C LEU A 403 1.85 21.33 -24.00
N LYS A 404 2.24 20.07 -24.24
CA LYS A 404 1.32 18.95 -24.39
C LYS A 404 1.63 17.99 -23.25
N LEU A 405 0.62 17.73 -22.40
CA LEU A 405 0.76 16.82 -21.29
C LEU A 405 0.05 15.52 -21.66
N GLU A 406 0.74 14.39 -21.45
CA GLU A 406 0.14 13.06 -21.52
C GLU A 406 -0.99 12.92 -20.49
N PRO A 407 -1.82 11.84 -20.57
CA PRO A 407 -2.84 11.58 -19.55
C PRO A 407 -2.20 11.41 -18.18
N HIS A 408 -2.74 12.14 -17.19
CA HIS A 408 -2.29 12.04 -15.80
C HIS A 408 -0.87 12.58 -15.60
N GLU A 409 -0.38 13.40 -16.53
CA GLU A 409 1.02 13.86 -16.45
C GLU A 409 1.08 15.14 -15.62
N GLY A 410 2.09 15.23 -14.75
CA GLY A 410 2.41 16.49 -14.10
C GLY A 410 3.81 16.94 -14.45
N LEU A 411 3.97 18.26 -14.58
CA LEU A 411 5.24 18.87 -14.95
C LEU A 411 5.61 19.89 -13.87
N LEU A 412 6.90 19.91 -13.53
CA LEU A 412 7.49 20.92 -12.66
C LEU A 412 8.55 21.66 -13.47
N LEU A 413 8.26 22.90 -13.82
CA LEU A 413 9.18 23.77 -14.54
C LEU A 413 9.79 24.78 -13.53
N ARG A 414 11.02 25.22 -13.79
CA ARG A 414 11.73 26.25 -13.04
C ARG A 414 12.20 27.36 -14.02
N PHE A 415 12.17 28.61 -13.56
CA PHE A 415 12.65 29.78 -14.30
C PHE A 415 13.06 30.87 -13.31
N PRO A 416 14.18 31.60 -13.55
CA PRO A 416 14.66 32.61 -12.60
C PRO A 416 13.82 33.90 -12.61
N TYR A 417 14.04 34.76 -11.61
CA TYR A 417 13.48 36.12 -11.61
C TYR A 417 13.92 36.87 -12.87
N ALA A 418 12.95 37.30 -13.71
CA ALA A 418 13.18 38.03 -14.95
C ALA A 418 11.92 38.00 -15.83
N PRO B 18 1.48 -54.51 -18.98
CA PRO B 18 2.03 -53.13 -18.82
C PRO B 18 0.98 -52.06 -19.09
N SER B 19 0.82 -51.14 -18.14
CA SER B 19 -0.21 -50.11 -18.25
C SER B 19 0.36 -48.73 -17.97
N VAL B 20 -0.27 -47.72 -18.59
CA VAL B 20 0.24 -46.38 -18.62
C VAL B 20 -0.76 -45.41 -17.98
N PHE B 21 -0.24 -44.45 -17.20
CA PHE B 21 -1.06 -43.39 -16.61
C PHE B 21 -0.37 -42.05 -16.84
N LEU B 22 -1.05 -41.12 -17.50
CA LEU B 22 -0.52 -39.79 -17.77
C LEU B 22 -1.20 -38.79 -16.84
N PHE B 23 -0.38 -37.98 -16.16
CA PHE B 23 -0.78 -37.07 -15.11
C PHE B 23 -0.50 -35.66 -15.55
N PRO B 24 -1.44 -34.71 -15.31
CA PRO B 24 -1.28 -33.31 -15.66
C PRO B 24 -0.34 -32.62 -14.68
N PRO B 25 0.06 -31.38 -14.96
CA PRO B 25 0.80 -30.59 -13.99
C PRO B 25 -0.09 -30.13 -12.84
N LYS B 26 0.54 -29.80 -11.71
CA LYS B 26 -0.15 -29.25 -10.57
C LYS B 26 -0.63 -27.84 -10.90
N PRO B 27 -1.88 -27.49 -10.48
CA PRO B 27 -2.40 -26.13 -10.63
C PRO B 27 -1.45 -25.01 -10.22
N LYS B 28 -0.80 -25.16 -9.07
CA LYS B 28 0.10 -24.12 -8.59
C LYS B 28 1.23 -23.91 -9.59
N ASP B 29 1.61 -24.98 -10.32
CA ASP B 29 2.77 -24.92 -11.20
C ASP B 29 2.41 -24.18 -12.48
N THR B 30 1.17 -24.33 -12.96
CA THR B 30 0.75 -23.70 -14.20
C THR B 30 0.34 -22.24 -13.97
N LEU B 31 -0.19 -21.93 -12.79
CA LEU B 31 -0.84 -20.66 -12.52
C LEU B 31 0.16 -19.60 -12.03
N MET B 32 1.00 -19.99 -11.08
CA MET B 32 2.13 -19.22 -10.61
C MET B 32 3.30 -19.44 -11.57
N ILE B 33 3.76 -18.39 -12.26
CA ILE B 33 4.76 -18.51 -13.31
C ILE B 33 6.18 -18.59 -12.71
N SER B 34 6.28 -18.62 -11.37
CA SER B 34 7.55 -18.82 -10.70
C SER B 34 7.97 -20.30 -10.62
N ARG B 35 7.05 -21.21 -10.97
CA ARG B 35 7.20 -22.65 -10.74
C ARG B 35 7.21 -23.39 -12.08
N THR B 36 7.57 -24.70 -12.12
CA THR B 36 7.82 -25.41 -13.39
C THR B 36 6.87 -26.60 -13.60
N PRO B 37 5.84 -26.43 -14.44
CA PRO B 37 4.85 -27.48 -14.61
C PRO B 37 5.42 -28.65 -15.40
N GLU B 38 5.01 -29.86 -15.01
CA GLU B 38 5.44 -31.12 -15.59
C GLU B 38 4.24 -31.99 -15.90
N VAL B 39 4.27 -32.67 -17.05
CA VAL B 39 3.37 -33.77 -17.35
C VAL B 39 4.15 -35.04 -17.03
N THR B 40 3.48 -36.03 -16.44
CA THR B 40 4.16 -37.23 -15.98
C THR B 40 3.54 -38.50 -16.55
N CYS B 41 4.31 -39.24 -17.34
CA CYS B 41 3.90 -40.53 -17.88
C CYS B 41 4.42 -41.67 -17.01
N VAL B 42 3.53 -42.46 -16.42
CA VAL B 42 3.92 -43.49 -15.46
C VAL B 42 3.54 -44.84 -16.05
N VAL B 43 4.50 -45.76 -16.11
CA VAL B 43 4.27 -47.09 -16.64
C VAL B 43 4.39 -48.08 -15.48
N VAL B 44 3.37 -48.92 -15.29
CA VAL B 44 3.36 -49.92 -14.23
C VAL B 44 3.19 -51.30 -14.87
N ASP B 45 3.41 -52.37 -14.10
CA ASP B 45 3.30 -53.74 -14.58
C ASP B 45 4.37 -53.99 -15.66
N VAL B 46 5.59 -53.48 -15.42
CA VAL B 46 6.71 -53.76 -16.28
C VAL B 46 7.41 -55.00 -15.73
N SER B 47 7.53 -56.05 -16.56
CA SER B 47 8.06 -57.35 -16.15
C SER B 47 9.58 -57.30 -15.97
N HIS B 48 10.10 -58.23 -15.16
CA HIS B 48 11.53 -58.47 -15.00
C HIS B 48 12.19 -59.00 -16.28
N GLU B 49 11.43 -59.73 -17.11
CA GLU B 49 11.90 -60.31 -18.36
C GLU B 49 12.14 -59.21 -19.41
N ASP B 50 11.16 -58.30 -19.55
CA ASP B 50 11.19 -57.23 -20.55
C ASP B 50 11.06 -55.89 -19.84
N PRO B 51 12.10 -55.43 -19.11
CA PRO B 51 12.02 -54.20 -18.32
C PRO B 51 12.30 -52.90 -19.09
N GLU B 52 12.73 -53.03 -20.35
CA GLU B 52 13.11 -51.87 -21.14
C GLU B 52 11.86 -51.17 -21.63
N VAL B 53 11.79 -49.86 -21.41
CA VAL B 53 10.67 -49.05 -21.85
C VAL B 53 11.18 -47.85 -22.62
N LYS B 54 10.62 -47.65 -23.80
CA LYS B 54 10.89 -46.48 -24.61
C LYS B 54 9.71 -45.51 -24.54
N PHE B 55 10.01 -44.23 -24.30
CA PHE B 55 8.98 -43.20 -24.25
C PHE B 55 9.17 -42.26 -25.43
N ASN B 56 8.08 -41.94 -26.13
CA ASN B 56 8.05 -40.88 -27.12
C ASN B 56 7.07 -39.81 -26.64
N TRP B 57 7.42 -38.52 -26.81
CA TRP B 57 6.55 -37.43 -26.38
C TRP B 57 6.19 -36.53 -27.56
N TYR B 58 4.91 -36.18 -27.64
CA TYR B 58 4.43 -35.31 -28.71
C TYR B 58 3.61 -34.18 -28.08
N VAL B 59 3.94 -32.94 -28.48
CA VAL B 59 3.12 -31.80 -28.12
C VAL B 59 2.38 -31.34 -29.38
N ASP B 60 1.05 -31.52 -29.37
CA ASP B 60 0.24 -31.28 -30.56
C ASP B 60 0.80 -32.04 -31.77
N GLY B 61 1.25 -33.29 -31.56
CA GLY B 61 1.72 -34.18 -32.63
C GLY B 61 3.18 -33.96 -32.99
N VAL B 62 3.77 -32.86 -32.51
CA VAL B 62 5.16 -32.57 -32.74
C VAL B 62 5.98 -33.29 -31.65
N GLU B 63 6.95 -34.10 -32.10
CA GLU B 63 7.79 -34.85 -31.19
C GLU B 63 8.75 -33.89 -30.50
N VAL B 64 9.00 -34.13 -29.21
CA VAL B 64 9.92 -33.33 -28.42
C VAL B 64 10.89 -34.29 -27.73
N HIS B 65 12.06 -33.79 -27.31
CA HIS B 65 13.14 -34.64 -26.85
C HIS B 65 13.68 -34.22 -25.49
N ASN B 66 12.98 -33.31 -24.81
CA ASN B 66 13.47 -32.71 -23.57
C ASN B 66 13.01 -33.50 -22.33
N ALA B 67 12.31 -34.61 -22.52
CA ALA B 67 11.77 -35.34 -21.38
C ALA B 67 12.87 -36.06 -20.64
N LYS B 68 12.66 -36.23 -19.33
CA LYS B 68 13.63 -36.86 -18.46
C LYS B 68 12.96 -38.13 -17.97
N THR B 69 13.49 -39.27 -18.41
CA THR B 69 13.01 -40.56 -18.01
C THR B 69 13.79 -40.96 -16.76
N LYS B 70 13.09 -41.54 -15.79
CA LYS B 70 13.69 -41.86 -14.51
C LYS B 70 14.07 -43.34 -14.48
N PRO B 71 15.03 -43.75 -13.63
CA PRO B 71 15.37 -45.17 -13.50
C PRO B 71 14.17 -45.96 -13.01
N ARG B 72 13.88 -47.09 -13.66
CA ARG B 72 12.81 -48.00 -13.26
C ARG B 72 12.98 -48.39 -11.78
N GLU B 73 11.88 -48.62 -11.07
CA GLU B 73 11.91 -48.92 -9.61
C GLU B 73 11.00 -50.10 -9.28
N GLU B 74 11.57 -51.22 -8.84
CA GLU B 74 10.79 -52.44 -8.52
C GLU B 74 9.78 -52.16 -7.40
N GLN B 75 8.53 -52.57 -7.58
CA GLN B 75 7.45 -52.42 -6.56
C GLN B 75 7.41 -53.72 -5.75
N TYR B 76 6.67 -53.75 -4.64
CA TYR B 76 6.62 -54.92 -3.72
C TYR B 76 5.94 -56.10 -4.41
N ASN B 77 5.17 -55.84 -5.45
CA ASN B 77 4.42 -56.90 -6.19
C ASN B 77 5.33 -57.50 -7.26
N SER B 78 6.63 -57.26 -7.23
CA SER B 78 7.62 -57.86 -8.16
C SER B 78 7.39 -57.36 -9.59
N THR B 79 7.00 -56.11 -9.78
CA THR B 79 6.87 -55.48 -11.11
C THR B 79 7.70 -54.20 -11.05
N TYR B 80 7.95 -53.56 -12.19
CA TYR B 80 8.78 -52.33 -12.24
C TYR B 80 7.88 -51.15 -12.56
N ARG B 81 8.16 -50.00 -11.96
CA ARG B 81 7.44 -48.78 -12.30
C ARG B 81 8.46 -47.85 -12.93
N VAL B 82 8.16 -47.33 -14.14
CA VAL B 82 9.08 -46.44 -14.83
C VAL B 82 8.32 -45.13 -15.12
N VAL B 83 9.00 -43.98 -14.95
CA VAL B 83 8.35 -42.68 -15.03
C VAL B 83 9.14 -41.81 -15.99
N SER B 84 8.42 -41.14 -16.90
CA SER B 84 9.01 -40.11 -17.73
C SER B 84 8.33 -38.79 -17.40
N VAL B 85 9.13 -37.74 -17.25
CA VAL B 85 8.67 -36.40 -16.90
C VAL B 85 8.98 -35.44 -18.04
N LEU B 86 7.94 -34.78 -18.58
CA LEU B 86 8.11 -33.74 -19.56
C LEU B 86 7.73 -32.38 -18.98
N THR B 87 8.72 -31.51 -18.91
CA THR B 87 8.49 -30.11 -18.58
C THR B 87 7.62 -29.48 -19.66
N VAL B 88 6.65 -28.68 -19.23
CA VAL B 88 5.75 -27.98 -20.14
C VAL B 88 5.87 -26.47 -19.89
N LEU B 89 5.50 -25.71 -20.92
CA LEU B 89 5.37 -24.28 -20.79
C LEU B 89 4.00 -23.96 -20.26
N HIS B 90 3.95 -23.00 -19.32
CA HIS B 90 2.75 -22.57 -18.66
C HIS B 90 1.66 -22.29 -19.69
N GLN B 91 1.97 -21.44 -20.65
CA GLN B 91 0.99 -20.94 -21.61
C GLN B 91 0.54 -22.08 -22.54
N ASP B 92 1.44 -23.02 -22.84
CA ASP B 92 1.05 -24.13 -23.70
C ASP B 92 -0.04 -24.94 -23.01
N TRP B 93 0.14 -25.21 -21.70
CA TRP B 93 -0.87 -25.97 -20.98
C TRP B 93 -2.17 -25.19 -20.95
N LEU B 94 -2.08 -23.89 -20.62
CA LEU B 94 -3.27 -23.07 -20.46
C LEU B 94 -3.97 -22.82 -21.79
N ASN B 95 -3.22 -22.88 -22.90
CA ASN B 95 -3.76 -22.65 -24.24
C ASN B 95 -4.29 -23.94 -24.84
N GLY B 96 -4.23 -25.05 -24.09
CA GLY B 96 -4.93 -26.27 -24.45
C GLY B 96 -4.13 -27.22 -25.36
N LYS B 97 -2.80 -27.02 -25.46
CA LYS B 97 -1.97 -27.94 -26.20
C LYS B 97 -2.07 -29.35 -25.61
N GLU B 98 -1.87 -30.36 -26.48
CA GLU B 98 -2.10 -31.74 -26.12
C GLU B 98 -0.77 -32.46 -25.99
N TYR B 99 -0.61 -33.19 -24.87
CA TYR B 99 0.63 -33.89 -24.56
C TYR B 99 0.37 -35.37 -24.72
N LYS B 100 1.15 -36.01 -25.59
CA LYS B 100 0.99 -37.42 -25.88
C LYS B 100 2.24 -38.15 -25.40
N CYS B 101 2.03 -39.21 -24.63
CA CYS B 101 3.07 -40.13 -24.24
C CYS B 101 2.86 -41.47 -24.93
N LYS B 102 3.87 -41.93 -25.67
CA LYS B 102 3.86 -43.23 -26.31
C LYS B 102 4.83 -44.11 -25.52
N VAL B 103 4.33 -45.26 -25.03
CA VAL B 103 5.13 -46.26 -24.31
C VAL B 103 5.31 -47.51 -25.16
N SER B 104 6.58 -47.86 -25.44
CA SER B 104 6.91 -49.08 -26.17
C SER B 104 7.62 -50.08 -25.25
N ASN B 105 7.20 -51.35 -25.33
CA ASN B 105 7.72 -52.42 -24.48
C ASN B 105 7.40 -53.74 -25.19
N LYS B 106 8.28 -54.74 -25.02
CA LYS B 106 8.26 -56.00 -25.75
C LYS B 106 6.97 -56.77 -25.45
N ALA B 107 6.50 -56.69 -24.19
CA ALA B 107 5.32 -57.41 -23.73
C ALA B 107 4.04 -56.82 -24.31
N LEU B 108 4.16 -55.67 -24.97
CA LEU B 108 3.01 -55.00 -25.56
C LEU B 108 2.85 -55.48 -26.99
N PRO B 109 1.64 -55.91 -27.41
CA PRO B 109 1.37 -56.14 -28.83
C PRO B 109 1.67 -54.89 -29.65
N ALA B 110 1.20 -53.73 -29.15
CA ALA B 110 1.44 -52.44 -29.79
C ALA B 110 1.82 -51.38 -28.75
N PRO B 111 2.57 -50.32 -29.14
CA PRO B 111 2.81 -49.19 -28.26
C PRO B 111 1.50 -48.66 -27.67
N ILE B 112 1.56 -48.21 -26.41
CA ILE B 112 0.43 -47.58 -25.75
C ILE B 112 0.59 -46.07 -25.86
N GLU B 113 -0.44 -45.40 -26.40
CA GLU B 113 -0.48 -43.96 -26.58
C GLU B 113 -1.51 -43.33 -25.65
N LYS B 114 -1.08 -42.35 -24.85
CA LYS B 114 -1.96 -41.64 -23.93
C LYS B 114 -1.83 -40.14 -24.21
N THR B 115 -2.98 -39.43 -24.19
CA THR B 115 -3.05 -38.01 -24.45
C THR B 115 -3.78 -37.28 -23.33
N ILE B 116 -3.22 -36.13 -22.89
CA ILE B 116 -3.79 -35.34 -21.80
C ILE B 116 -3.71 -33.88 -22.24
N SER B 117 -4.73 -33.10 -21.83
CA SER B 117 -4.68 -31.64 -21.96
C SER B 117 -5.51 -30.99 -20.86
N LYS B 118 -5.50 -29.65 -20.82
CA LYS B 118 -6.38 -28.93 -19.93
C LYS B 118 -7.82 -29.26 -20.30
N ALA B 119 -8.70 -29.41 -19.30
CA ALA B 119 -10.12 -29.60 -19.58
C ALA B 119 -10.56 -28.54 -20.58
N LYS B 120 -11.38 -28.96 -21.56
CA LYS B 120 -11.93 -28.00 -22.49
C LYS B 120 -13.19 -27.41 -21.84
N GLY B 121 -13.52 -26.21 -22.25
CA GLY B 121 -14.77 -25.60 -21.85
C GLY B 121 -14.53 -24.16 -21.41
N GLN B 122 -15.59 -23.34 -21.48
CA GLN B 122 -15.49 -21.92 -21.20
C GLN B 122 -14.99 -21.76 -19.77
N PRO B 123 -13.79 -21.17 -19.57
CA PRO B 123 -13.30 -20.87 -18.23
C PRO B 123 -14.29 -19.97 -17.52
N ARG B 124 -14.45 -20.16 -16.20
CA ARG B 124 -15.34 -19.36 -15.39
C ARG B 124 -14.59 -18.89 -14.15
N GLU B 125 -14.76 -17.61 -13.82
CA GLU B 125 -14.05 -16.94 -12.75
C GLU B 125 -14.53 -17.42 -11.39
N PRO B 126 -13.62 -17.83 -10.49
CA PRO B 126 -14.03 -18.17 -9.13
C PRO B 126 -14.61 -16.98 -8.38
N GLN B 127 -15.70 -17.25 -7.65
CA GLN B 127 -16.19 -16.36 -6.62
C GLN B 127 -15.62 -16.82 -5.27
N VAL B 128 -15.10 -15.88 -4.47
CA VAL B 128 -14.40 -16.17 -3.24
C VAL B 128 -15.14 -15.52 -2.07
N TYR B 129 -15.65 -16.34 -1.16
CA TYR B 129 -16.44 -15.84 -0.02
C TYR B 129 -15.81 -16.37 1.27
N THR B 130 -15.29 -15.46 2.09
CA THR B 130 -14.78 -15.81 3.39
C THR B 130 -15.91 -15.78 4.40
N LEU B 131 -15.92 -16.75 5.35
CA LEU B 131 -17.05 -16.92 6.26
C LEU B 131 -16.47 -17.05 7.66
N PRO B 132 -16.95 -16.23 8.60
CA PRO B 132 -16.39 -16.27 9.95
C PRO B 132 -16.86 -17.54 10.67
N PRO B 133 -16.30 -17.84 11.85
CA PRO B 133 -16.74 -18.97 12.63
C PRO B 133 -18.22 -18.79 13.00
N SER B 134 -18.93 -19.91 13.14
CA SER B 134 -20.24 -19.90 13.80
C SER B 134 -20.06 -19.46 15.24
N ARG B 135 -21.08 -18.74 15.74
CA ARG B 135 -21.09 -18.31 17.11
C ARG B 135 -20.92 -19.53 18.01
N ASP B 136 -21.49 -20.66 17.62
CA ASP B 136 -21.48 -21.86 18.45
C ASP B 136 -20.05 -22.36 18.60
N GLU B 137 -19.15 -22.02 17.66
CA GLU B 137 -17.77 -22.48 17.77
C GLU B 137 -16.97 -21.70 18.82
N LEU B 138 -17.46 -20.52 19.25
CA LEU B 138 -16.75 -19.68 20.20
C LEU B 138 -16.65 -20.31 21.61
N THR B 139 -17.37 -21.40 21.82
CA THR B 139 -17.18 -22.32 22.94
C THR B 139 -15.78 -22.91 23.00
N LYS B 140 -15.07 -23.01 21.85
CA LYS B 140 -13.88 -23.85 21.75
C LYS B 140 -12.64 -22.96 21.83
N ASN B 141 -11.46 -23.60 21.94
CA ASN B 141 -10.19 -22.91 22.03
C ASN B 141 -9.70 -22.47 20.66
N GLN B 142 -10.09 -23.22 19.62
CA GLN B 142 -9.72 -22.93 18.25
C GLN B 142 -10.99 -22.74 17.44
N VAL B 143 -10.96 -21.81 16.46
CA VAL B 143 -12.11 -21.57 15.61
C VAL B 143 -11.74 -21.84 14.16
N SER B 144 -12.76 -21.90 13.31
CA SER B 144 -12.65 -22.27 11.91
C SER B 144 -12.94 -21.05 11.04
N LEU B 145 -11.92 -20.63 10.29
CA LEU B 145 -12.13 -19.58 9.32
C LEU B 145 -12.32 -20.29 7.99
N THR B 146 -13.37 -19.93 7.27
CA THR B 146 -13.81 -20.66 6.10
C THR B 146 -13.66 -19.79 4.85
N CYS B 147 -13.21 -20.41 3.78
CA CYS B 147 -13.17 -19.79 2.48
C CYS B 147 -13.91 -20.69 1.51
N LEU B 148 -15.08 -20.24 1.07
CA LEU B 148 -15.81 -20.87 -0.02
C LEU B 148 -15.31 -20.30 -1.33
N VAL B 149 -14.83 -21.17 -2.25
CA VAL B 149 -14.54 -20.79 -3.63
C VAL B 149 -15.50 -21.54 -4.56
N LYS B 150 -16.28 -20.79 -5.36
CA LYS B 150 -17.28 -21.45 -6.20
C LYS B 150 -17.35 -20.82 -7.59
N GLY B 151 -18.00 -21.55 -8.49
CA GLY B 151 -18.36 -21.04 -9.79
C GLY B 151 -17.20 -21.08 -10.78
N PHE B 152 -16.14 -21.84 -10.45
CA PHE B 152 -14.93 -21.88 -11.26
C PHE B 152 -14.91 -23.09 -12.21
N TYR B 153 -14.33 -22.85 -13.39
CA TYR B 153 -14.02 -23.88 -14.36
C TYR B 153 -12.77 -23.45 -15.12
N PRO B 154 -11.82 -24.33 -15.43
CA PRO B 154 -11.82 -25.73 -14.99
C PRO B 154 -11.44 -25.87 -13.52
N SER B 155 -11.24 -27.11 -13.06
CA SER B 155 -11.16 -27.41 -11.63
C SER B 155 -9.79 -27.06 -11.00
N ASP B 156 -8.79 -26.78 -11.84
CA ASP B 156 -7.45 -26.48 -11.41
C ASP B 156 -7.47 -25.18 -10.59
N ILE B 157 -7.03 -25.25 -9.35
CA ILE B 157 -7.11 -24.10 -8.47
C ILE B 157 -6.12 -24.33 -7.33
N ALA B 158 -5.67 -23.23 -6.71
CA ALA B 158 -4.87 -23.33 -5.49
C ALA B 158 -5.35 -22.31 -4.48
N VAL B 159 -5.22 -22.65 -3.20
CA VAL B 159 -5.63 -21.77 -2.12
C VAL B 159 -4.56 -21.78 -1.03
N LEU B 160 -4.26 -20.56 -0.55
CA LEU B 160 -3.26 -20.24 0.47
C LEU B 160 -3.92 -19.27 1.45
N TRP B 161 -3.47 -19.34 2.72
CA TRP B 161 -3.90 -18.38 3.74
C TRP B 161 -2.74 -17.55 4.28
N ASN B 162 -3.07 -16.32 4.71
CA ASN B 162 -2.09 -15.48 5.42
C ASN B 162 -2.80 -14.60 6.44
N SER B 163 -2.02 -14.11 7.42
CA SER B 163 -2.42 -13.03 8.32
C SER B 163 -1.55 -11.83 7.98
N ARG B 164 -1.56 -10.82 8.85
CA ARG B 164 -0.94 -9.55 8.50
C ARG B 164 0.52 -9.75 8.11
N PHE B 165 1.26 -10.58 8.86
CA PHE B 165 2.71 -10.66 8.72
C PHE B 165 3.22 -12.00 8.20
N VAL B 166 2.43 -13.08 8.34
CA VAL B 166 2.94 -14.42 8.03
C VAL B 166 1.93 -15.24 7.22
N LEU B 167 2.45 -16.24 6.52
CA LEU B 167 1.63 -17.31 6.03
C LEU B 167 0.94 -17.98 7.19
N GLU B 168 -0.28 -18.46 6.97
CA GLU B 168 -1.01 -19.25 7.95
C GLU B 168 -1.12 -20.65 7.35
N ASN B 169 -0.47 -21.65 7.98
CA ASN B 169 -0.33 -22.97 7.42
C ASN B 169 -1.28 -23.98 8.06
N ASN B 170 -2.01 -23.62 9.12
CA ASN B 170 -2.85 -24.58 9.82
C ASN B 170 -4.22 -24.70 9.12
N TYR B 171 -4.21 -25.07 7.84
CA TYR B 171 -5.43 -25.13 7.07
C TYR B 171 -5.54 -26.44 6.30
N LYS B 172 -6.76 -26.79 5.90
CA LYS B 172 -7.00 -27.90 4.99
C LYS B 172 -8.01 -27.48 3.94
N THR B 173 -7.80 -27.97 2.72
CA THR B 173 -8.66 -27.57 1.63
C THR B 173 -9.33 -28.83 1.09
N THR B 174 -10.64 -28.75 0.81
CA THR B 174 -11.32 -29.89 0.23
C THR B 174 -10.91 -30.00 -1.23
N PRO B 175 -11.02 -31.19 -1.83
CA PRO B 175 -10.91 -31.28 -3.27
C PRO B 175 -12.03 -30.45 -3.87
N PRO B 176 -11.89 -30.07 -5.16
CA PRO B 176 -12.97 -29.44 -5.89
C PRO B 176 -14.13 -30.40 -5.98
N VAL B 177 -15.34 -29.90 -5.86
CA VAL B 177 -16.52 -30.70 -6.08
C VAL B 177 -17.28 -30.11 -7.25
N LEU B 178 -17.81 -31.00 -8.11
CA LEU B 178 -18.66 -30.60 -9.23
C LEU B 178 -20.02 -30.13 -8.71
N ASP B 179 -20.37 -28.89 -9.08
CA ASP B 179 -21.64 -28.29 -8.73
C ASP B 179 -22.67 -28.60 -9.85
N SER B 180 -23.94 -28.25 -9.58
CA SER B 180 -25.10 -28.52 -10.43
C SER B 180 -24.98 -27.94 -11.84
N ASP B 181 -24.29 -26.79 -11.97
CA ASP B 181 -24.19 -26.02 -13.20
C ASP B 181 -22.93 -26.38 -14.00
N GLY B 182 -22.21 -27.43 -13.60
CA GLY B 182 -20.99 -27.85 -14.30
C GLY B 182 -19.74 -27.08 -13.88
N SER B 183 -19.88 -26.05 -13.02
CA SER B 183 -18.74 -25.34 -12.43
C SER B 183 -18.28 -26.15 -11.22
N PHE B 184 -17.22 -25.70 -10.55
CA PHE B 184 -16.69 -26.40 -9.38
C PHE B 184 -16.71 -25.46 -8.19
N PHE B 185 -16.68 -26.05 -6.98
CA PHE B 185 -16.53 -25.33 -5.73
C PHE B 185 -15.63 -26.12 -4.81
N LEU B 186 -15.05 -25.45 -3.82
CA LEU B 186 -14.35 -26.09 -2.73
C LEU B 186 -14.46 -25.21 -1.51
N TYR B 187 -14.01 -25.73 -0.37
CA TYR B 187 -13.91 -24.95 0.84
C TYR B 187 -12.51 -25.15 1.39
N SER B 188 -11.94 -24.07 1.93
CA SER B 188 -10.71 -24.15 2.70
C SER B 188 -11.03 -23.71 4.12
N LYS B 189 -10.45 -24.43 5.08
CA LYS B 189 -10.69 -24.19 6.50
C LYS B 189 -9.37 -23.88 7.17
N LEU B 190 -9.19 -22.66 7.67
CA LEU B 190 -8.02 -22.33 8.47
C LEU B 190 -8.41 -22.35 9.92
N THR B 191 -7.68 -23.11 10.73
CA THR B 191 -7.96 -23.17 12.15
C THR B 191 -7.05 -22.18 12.86
N VAL B 192 -7.62 -21.29 13.70
CA VAL B 192 -6.82 -20.34 14.47
C VAL B 192 -7.29 -20.35 15.92
N ASP B 193 -6.38 -19.95 16.84
CA ASP B 193 -6.73 -19.73 18.22
C ASP B 193 -7.86 -18.72 18.28
N LYS B 194 -8.89 -19.02 19.09
CA LYS B 194 -10.02 -18.12 19.30
C LYS B 194 -9.58 -16.70 19.63
N SER B 195 -8.58 -16.59 20.51
CA SER B 195 -8.16 -15.28 20.98
C SER B 195 -7.71 -14.43 19.81
N ARG B 196 -6.98 -15.03 18.85
CA ARG B 196 -6.46 -14.27 17.72
C ARG B 196 -7.63 -13.74 16.91
N TRP B 197 -8.68 -14.57 16.80
CA TRP B 197 -9.85 -14.17 16.04
C TRP B 197 -10.58 -13.06 16.78
N GLN B 198 -10.83 -13.30 18.08
CA GLN B 198 -11.63 -12.41 18.91
C GLN B 198 -10.91 -11.07 19.16
N GLN B 199 -9.61 -11.02 18.92
CA GLN B 199 -8.85 -9.77 19.02
C GLN B 199 -8.87 -8.99 17.71
N GLY B 200 -9.59 -9.47 16.67
CA GLY B 200 -9.83 -8.65 15.48
C GLY B 200 -8.72 -8.77 14.43
N ASN B 201 -7.83 -9.75 14.59
CA ASN B 201 -6.77 -9.97 13.61
C ASN B 201 -7.34 -10.35 12.25
N ILE B 202 -6.68 -9.88 11.18
CA ILE B 202 -7.12 -10.07 9.81
C ILE B 202 -6.46 -11.31 9.19
N PHE B 203 -7.28 -12.09 8.46
CA PHE B 203 -6.82 -13.25 7.72
C PHE B 203 -7.27 -13.05 6.28
N ALA B 204 -6.57 -13.72 5.37
CA ALA B 204 -6.91 -13.64 3.97
C ALA B 204 -6.81 -15.01 3.35
N CYS B 205 -7.78 -15.27 2.48
CA CYS B 205 -7.82 -16.42 1.66
C CYS B 205 -7.41 -15.98 0.26
N ASN B 206 -6.40 -16.64 -0.30
CA ASN B 206 -5.75 -16.30 -1.56
C ASN B 206 -6.01 -17.41 -2.57
N VAL B 207 -6.49 -17.03 -3.74
CA VAL B 207 -6.95 -18.00 -4.71
C VAL B 207 -6.24 -17.78 -6.05
N TYR B 208 -5.81 -18.91 -6.65
CA TYR B 208 -5.17 -18.91 -7.94
C TYR B 208 -5.97 -19.78 -8.91
N HIS B 209 -6.33 -19.15 -10.02
CA HIS B 209 -7.14 -19.78 -11.04
C HIS B 209 -6.92 -19.02 -12.35
N GLU B 210 -6.94 -19.74 -13.45
CA GLU B 210 -6.62 -19.14 -14.73
C GLU B 210 -7.60 -18.06 -15.12
N ALA B 211 -8.82 -18.05 -14.56
CA ALA B 211 -9.87 -17.16 -15.07
C ALA B 211 -9.95 -15.88 -14.26
N LEU B 212 -9.04 -15.72 -13.28
CA LEU B 212 -8.90 -14.47 -12.54
C LEU B 212 -7.91 -13.60 -13.30
N HIS B 213 -8.10 -12.29 -13.16
CA HIS B 213 -7.08 -11.31 -13.52
C HIS B 213 -5.77 -11.66 -12.81
N ASN B 214 -4.70 -11.83 -13.60
CA ASN B 214 -3.39 -12.14 -13.10
C ASN B 214 -3.36 -13.50 -12.39
N HIS B 215 -4.38 -14.34 -12.64
CA HIS B 215 -4.44 -15.66 -12.03
C HIS B 215 -4.52 -15.59 -10.50
N TYR B 216 -4.93 -14.43 -9.94
CA TYR B 216 -4.83 -14.23 -8.50
C TYR B 216 -5.92 -13.27 -7.99
N THR B 217 -6.53 -13.65 -6.87
CA THR B 217 -7.35 -12.75 -6.09
C THR B 217 -7.23 -13.14 -4.61
N PHE B 218 -7.87 -12.35 -3.74
CA PHE B 218 -7.92 -12.69 -2.32
C PHE B 218 -9.14 -12.03 -1.68
N LYS B 219 -9.53 -12.56 -0.53
CA LYS B 219 -10.57 -11.96 0.28
C LYS B 219 -10.09 -12.06 1.72
N ASN B 220 -10.31 -10.97 2.47
CA ASN B 220 -9.97 -10.90 3.88
C ASN B 220 -11.13 -11.41 4.70
N LEU B 221 -10.83 -11.76 5.96
CA LEU B 221 -11.80 -12.19 6.94
C LEU B 221 -11.34 -11.69 8.30
N ALA B 222 -12.25 -11.05 9.04
CA ALA B 222 -11.92 -10.45 10.32
C ALA B 222 -13.22 -10.21 11.07
N LEU B 223 -13.17 -10.22 12.39
CA LEU B 223 -14.32 -9.82 13.19
C LEU B 223 -14.77 -8.38 12.86
N SER B 224 -16.08 -8.11 12.97
CA SER B 224 -16.60 -6.74 13.09
C SER B 224 -16.45 -6.22 14.53
#